data_9BDY
#
_entry.id   9BDY
#
_cell.length_a   46.479
_cell.length_b   46.447
_cell.length_c   98.381
_cell.angle_alpha   90.01
_cell.angle_beta   89.92
_cell.angle_gamma   60.01
#
_symmetry.space_group_name_H-M   'P 1'
#
loop_
_entity.id
_entity.type
_entity.pdbx_description
1 polymer "DNA (5'-D(*CP*GP*GP*GP*AP*AP*AP*TP*TP*CP*CP*G)-3')"
2 polymer "DNA (5'-D(*CP*GP*GP*AP*AP*TP*TP*TP*CP*CP*CP*G)-3')"
3 non-polymer 'ZINC ION'
4 non-polymer 'ACETATE ION'
5 water water
#
loop_
_entity_poly.entity_id
_entity_poly.type
_entity_poly.pdbx_seq_one_letter_code
_entity_poly.pdbx_strand_id
1 'polydeoxyribonucleotide' (DC)(DG)(DG)(DG)(DA)(DA)(DA)(DT)(DT)(DC)(DC)(DG) A,E,G,I,K,N,Y,W,U,S,Q,M
2 'polydeoxyribonucleotide' (DC)(DG)(DG)(DA)(DA)(DT)(DT)(DT)(DC)(DC)(DC)(DG) B,D,H,L,P,T,X,a,c,e,g,i
#